data_3WA1
#
_entry.id   3WA1
#
_cell.length_a   95.210
_cell.length_b   95.210
_cell.length_c   154.891
_cell.angle_alpha   90.00
_cell.angle_beta   90.00
_cell.angle_gamma   120.00
#
_symmetry.space_group_name_H-M   'P 62 2 2'
#
loop_
_entity.id
_entity.type
_entity.pdbx_description
1 polymer 'BinB protein'
2 water water
#
_entity_poly.entity_id   1
_entity_poly.type   'polypeptide(L)'
_entity_poly.pdbx_seq_one_letter_code
;TNYPLNTTPTSLNYNLPEISKKFYNLKNKYSRNGYGLSKTEFPSSIENCPSNEYSIMYDNKDPRFLIRFLLDDGRYIIAD
RDDGEVFDEAPTYLDNNNHPIISRHYTGEERQKFEQVGSGDYITGEQFFQFYTQNKTRVLSNCRALDSRTILLSTAKIFP
IYPPASETQLTAFVNSSFYAAAIPQLPQTSLLENIPEPTSLDDSGVLPKDAVRAVKGSALLPCIIVHDPNLNNSDKMKFN
TYYLLEYKEYWHQLWSQIIPAHQTVKIQERTGISEVVQNSMIEDLNMYIGADFGMYFYLRSSGFKEQITRGLNRPLSQTT
TQLGERVEEMEYYNSNDLDVRYVKYALAREFTLKRVNGEIVKNWVAVDYRMAGIQSYPNAPITNPLTLT
;
_entity_poly.pdbx_strand_id   A
#
# COMPACT_ATOMS: atom_id res chain seq x y z
N THR A 1 -27.83 14.61 27.73
CA THR A 1 -27.15 13.49 26.99
C THR A 1 -25.62 13.56 26.96
N ASN A 2 -25.01 12.36 27.02
CA ASN A 2 -23.54 12.17 27.20
C ASN A 2 -22.71 12.20 25.89
N TYR A 3 -23.39 11.98 24.77
CA TYR A 3 -22.78 11.99 23.48
C TYR A 3 -23.45 13.09 22.63
N PRO A 4 -22.74 13.56 21.56
CA PRO A 4 -23.36 14.66 20.73
C PRO A 4 -24.66 14.25 20.11
N LEU A 5 -25.52 15.22 19.75
CA LEU A 5 -26.79 14.96 19.05
C LEU A 5 -26.60 14.86 17.57
N ASN A 6 -25.37 15.17 17.13
CA ASN A 6 -25.02 15.08 15.68
C ASN A 6 -23.93 14.01 15.45
N THR A 7 -23.81 13.56 14.21
CA THR A 7 -22.66 12.64 13.90
C THR A 7 -21.31 13.44 13.94
N THR A 8 -20.22 12.73 14.23
CA THR A 8 -18.89 13.38 14.31
C THR A 8 -17.94 12.54 13.46
N PRO A 9 -16.86 13.16 12.90
CA PRO A 9 -15.96 12.37 12.03
C PRO A 9 -15.13 11.42 12.89
N THR A 10 -14.52 10.45 12.24
CA THR A 10 -13.66 9.51 12.94
C THR A 10 -12.22 9.69 12.43
N SER A 11 -11.29 9.37 13.32
CA SER A 11 -9.91 9.22 12.91
C SER A 11 -9.83 7.92 12.06
N LEU A 12 -9.18 8.01 10.90
CA LEU A 12 -8.74 6.82 10.23
C LEU A 12 -7.44 6.32 10.91
N ASN A 13 -7.34 5.00 11.10
CA ASN A 13 -6.18 4.35 11.74
C ASN A 13 -5.39 3.55 10.71
N TYR A 14 -4.08 3.50 10.95
CA TYR A 14 -3.27 2.56 10.18
C TYR A 14 -2.04 2.27 11.00
N ASN A 15 -2.24 1.44 12.00
CA ASN A 15 -1.24 1.18 12.99
C ASN A 15 -0.09 0.36 12.45
N LEU A 16 1.11 0.76 12.86
CA LEU A 16 2.33 0.02 12.40
C LEU A 16 3.30 -0.14 13.60
N PRO A 17 4.09 -1.22 13.58
CA PRO A 17 5.11 -1.34 14.63
C PRO A 17 6.20 -0.26 14.51
N GLU A 18 6.92 0.03 15.60
CA GLU A 18 8.01 0.96 15.57
C GLU A 18 9.12 0.65 14.52
N ILE A 19 9.48 -0.65 14.40
CA ILE A 19 10.46 -1.09 13.41
C ILE A 19 10.01 -0.88 11.95
N SER A 20 8.72 -0.67 11.77
CA SER A 20 8.18 -0.38 10.40
C SER A 20 8.15 1.11 10.20
N LYS A 21 8.59 1.88 11.20
CA LYS A 21 8.56 3.33 11.10
C LYS A 21 9.92 3.99 11.25
N LYS A 22 10.99 3.18 11.21
CA LYS A 22 12.40 3.64 11.49
C LYS A 22 13.34 2.81 10.62
N PHE A 23 14.40 3.41 10.12
CA PHE A 23 15.44 2.59 9.40
C PHE A 23 16.55 2.44 10.47
N TYR A 24 16.67 1.24 11.00
CA TYR A 24 17.68 0.93 12.04
C TYR A 24 18.96 0.35 11.49
N ASN A 25 20.07 0.72 12.15
CA ASN A 25 21.41 0.09 11.97
C ASN A 25 21.33 -1.18 12.77
N LEU A 26 21.47 -2.31 12.12
CA LEU A 26 21.33 -3.66 12.78
C LEU A 26 22.74 -4.17 13.11
N LYS A 27 23.05 -4.19 14.43
CA LYS A 27 24.40 -4.69 14.89
C LYS A 27 24.36 -6.08 15.43
N ASN A 28 25.48 -6.82 15.35
CA ASN A 28 25.54 -8.17 15.95
C ASN A 28 25.66 -7.98 17.51
N LYS A 29 24.89 -8.73 18.25
CA LYS A 29 24.76 -8.49 19.68
C LYS A 29 26.13 -8.89 20.38
N TYR A 30 26.84 -9.86 19.82
CA TYR A 30 28.07 -10.43 20.45
C TYR A 30 29.40 -9.87 19.92
N SER A 31 29.43 -9.23 18.77
CA SER A 31 30.62 -8.61 18.20
C SER A 31 31.33 -7.70 19.21
N ARG A 32 32.65 -7.89 19.29
CA ARG A 32 33.47 -7.04 20.19
C ARG A 32 33.87 -5.71 19.59
N ASN A 33 33.78 -5.57 18.27
CA ASN A 33 34.36 -4.44 17.59
C ASN A 33 33.38 -3.69 16.66
N GLY A 34 32.05 -3.79 16.93
CA GLY A 34 31.10 -2.89 16.22
C GLY A 34 30.60 -3.42 14.87
N TYR A 35 30.59 -4.73 14.68
CA TYR A 35 30.24 -5.25 13.36
C TYR A 35 28.72 -5.36 13.28
N GLY A 36 28.21 -5.18 12.07
CA GLY A 36 26.75 -5.27 11.84
C GLY A 36 26.56 -5.25 10.30
N LEU A 37 25.28 -5.16 9.87
CA LEU A 37 25.08 -5.15 8.43
C LEU A 37 25.49 -3.87 7.77
N SER A 38 26.05 -4.01 6.60
CA SER A 38 26.89 -2.95 6.02
C SER A 38 26.66 -2.88 4.51
N LYS A 39 26.94 -1.72 3.96
CA LYS A 39 26.86 -1.55 2.48
C LYS A 39 28.25 -1.25 1.92
N THR A 40 29.27 -1.68 2.68
CA THR A 40 30.66 -1.60 2.21
C THR A 40 30.84 -2.12 0.81
N GLU A 41 31.65 -1.41 -0.01
CA GLU A 41 32.00 -1.93 -1.35
C GLU A 41 33.24 -2.88 -1.24
N PHE A 42 33.85 -3.02 -0.08
CA PHE A 42 35.02 -3.89 0.02
C PHE A 42 34.60 -5.37 0.13
N PRO A 43 35.42 -6.27 -0.39
CA PRO A 43 35.05 -7.71 -0.36
C PRO A 43 35.26 -8.46 0.96
N SER A 44 34.62 -9.61 1.08
CA SER A 44 34.70 -10.47 2.23
C SER A 44 36.11 -10.87 2.49
N SER A 45 36.46 -10.88 3.77
CA SER A 45 37.81 -11.15 4.22
C SER A 45 38.10 -12.67 4.49
N ILE A 46 37.23 -13.58 3.98
CA ILE A 46 37.11 -14.95 4.52
C ILE A 46 36.85 -15.98 3.47
N GLU A 47 37.69 -17.00 3.48
CA GLU A 47 37.55 -18.08 2.56
C GLU A 47 36.31 -18.88 2.94
N ASN A 48 35.63 -19.31 1.91
CA ASN A 48 34.41 -20.09 1.96
C ASN A 48 33.23 -19.10 2.19
N CYS A 49 33.54 -17.83 2.31
CA CYS A 49 32.50 -16.74 2.44
C CYS A 49 32.62 -15.71 1.32
N PRO A 50 32.49 -16.13 0.03
CA PRO A 50 32.75 -15.17 -1.02
C PRO A 50 31.65 -14.12 -1.16
N SER A 51 32.06 -12.91 -1.55
CA SER A 51 31.13 -11.81 -1.74
C SER A 51 31.17 -11.37 -3.17
N ASN A 52 30.12 -10.71 -3.65
CA ASN A 52 30.15 -9.92 -4.88
C ASN A 52 29.22 -8.70 -4.69
N GLU A 53 28.86 -8.02 -5.76
CA GLU A 53 28.13 -6.79 -5.61
C GLU A 53 26.68 -7.02 -5.15
N TYR A 54 26.16 -8.25 -5.14
CA TYR A 54 24.78 -8.50 -4.67
C TYR A 54 24.75 -8.83 -3.19
N SER A 55 25.91 -9.17 -2.58
CA SER A 55 25.88 -9.66 -1.22
C SER A 55 25.36 -8.65 -0.22
N ILE A 56 24.63 -9.10 0.77
CA ILE A 56 24.46 -8.26 2.00
C ILE A 56 25.73 -8.45 2.83
N MET A 57 26.47 -7.37 2.96
CA MET A 57 27.80 -7.44 3.66
C MET A 57 27.65 -7.24 5.18
N TYR A 58 28.69 -7.68 5.92
CA TYR A 58 28.77 -7.52 7.37
C TYR A 58 30.12 -6.86 7.67
N ASP A 59 30.10 -5.70 8.30
CA ASP A 59 31.42 -4.95 8.48
C ASP A 59 31.24 -4.02 9.61
N ASN A 60 32.35 -3.43 10.12
CA ASN A 60 32.17 -2.40 11.17
C ASN A 60 32.28 -0.98 10.64
N LYS A 61 32.06 -0.77 9.33
CA LYS A 61 31.99 0.55 8.74
C LYS A 61 30.82 0.49 7.73
N ASP A 62 30.42 1.70 7.28
CA ASP A 62 29.44 1.90 6.21
C ASP A 62 28.13 1.13 6.55
N PRO A 63 27.52 1.45 7.69
CA PRO A 63 26.36 0.61 8.10
C PRO A 63 25.15 0.82 7.11
N ARG A 64 24.29 -0.17 7.00
CA ARG A 64 22.96 -0.01 6.37
C ARG A 64 21.99 0.45 7.41
N PHE A 65 20.93 1.14 6.95
CA PHE A 65 19.80 1.60 7.81
C PHE A 65 18.56 0.97 7.21
N LEU A 66 17.91 0.10 7.96
CA LEU A 66 17.00 -0.86 7.33
C LEU A 66 15.65 -0.73 7.96
N ILE A 67 14.60 -0.62 7.11
CA ILE A 67 13.25 -0.59 7.69
C ILE A 67 12.66 -1.97 7.49
N ARG A 68 11.78 -2.36 8.40
CA ARG A 68 11.07 -3.64 8.32
C ARG A 68 9.57 -3.37 8.00
N PHE A 69 9.19 -3.55 6.72
CA PHE A 69 7.75 -3.27 6.37
C PHE A 69 6.94 -4.47 6.73
N LEU A 70 5.82 -4.26 7.43
CA LEU A 70 5.04 -5.30 7.99
C LEU A 70 4.05 -5.90 6.97
N LEU A 71 4.13 -7.17 6.71
CA LEU A 71 3.27 -7.91 5.79
C LEU A 71 2.01 -8.37 6.55
N ASP A 72 0.93 -8.70 5.82
CA ASP A 72 -0.32 -9.06 6.50
C ASP A 72 -0.17 -10.25 7.50
N ASP A 73 0.68 -11.22 7.14
CA ASP A 73 0.95 -12.38 8.04
C ASP A 73 1.97 -12.22 9.16
N GLY A 74 2.43 -11.00 9.39
CA GLY A 74 3.38 -10.71 10.46
C GLY A 74 4.87 -10.83 10.06
N ARG A 75 5.16 -11.39 8.91
CA ARG A 75 6.53 -11.36 8.38
C ARG A 75 6.92 -9.90 7.98
N TYR A 76 8.20 -9.67 7.63
CA TYR A 76 8.73 -8.37 7.21
C TYR A 76 9.48 -8.45 5.90
N ILE A 77 9.39 -7.33 5.13
CA ILE A 77 10.26 -7.08 4.05
C ILE A 77 11.33 -6.16 4.70
N ILE A 78 12.60 -6.49 4.48
CA ILE A 78 13.69 -5.71 5.05
C ILE A 78 14.28 -4.82 3.91
N ALA A 79 14.05 -3.53 4.02
CA ALA A 79 14.39 -2.60 2.89
C ALA A 79 15.44 -1.54 3.30
N ASP A 80 16.34 -1.23 2.36
CA ASP A 80 17.46 -0.31 2.58
C ASP A 80 17.09 1.14 2.38
N ARG A 81 17.56 2.03 3.29
CA ARG A 81 17.26 3.47 3.16
C ARG A 81 17.81 4.11 1.93
N ASP A 82 19.00 3.68 1.54
CA ASP A 82 19.81 4.43 0.56
C ASP A 82 19.53 4.01 -0.84
N ASP A 83 19.18 2.74 -1.09
CA ASP A 83 18.90 2.37 -2.46
C ASP A 83 17.54 1.79 -2.70
N GLY A 84 16.76 1.55 -1.61
CA GLY A 84 15.38 1.09 -1.75
C GLY A 84 15.22 -0.36 -2.18
N GLU A 85 16.35 -1.11 -2.26
CA GLU A 85 16.29 -2.55 -2.49
C GLU A 85 16.02 -3.32 -1.20
N VAL A 86 15.73 -4.60 -1.35
CA VAL A 86 15.28 -5.41 -0.19
C VAL A 86 16.16 -6.63 -0.04
N PHE A 87 16.16 -7.22 1.16
CA PHE A 87 16.94 -8.50 1.34
C PHE A 87 16.18 -9.63 0.67
N ASP A 88 16.94 -10.64 0.18
CA ASP A 88 16.30 -11.65 -0.64
C ASP A 88 17.18 -12.90 -0.43
N GLU A 89 16.51 -13.98 -0.09
CA GLU A 89 17.20 -15.31 0.11
C GLU A 89 17.32 -15.92 -1.24
N ALA A 90 18.54 -15.82 -1.83
CA ALA A 90 18.79 -16.23 -3.20
C ALA A 90 18.76 -17.77 -3.28
N PRO A 91 18.22 -18.33 -4.33
CA PRO A 91 18.08 -19.83 -4.34
C PRO A 91 19.46 -20.50 -4.64
N THR A 92 20.50 -19.75 -4.99
CA THR A 92 21.85 -20.36 -5.16
C THR A 92 22.43 -20.90 -3.84
N TYR A 93 23.47 -21.75 -3.97
CA TYR A 93 24.03 -22.40 -2.75
C TYR A 93 25.48 -22.01 -2.55
N LEU A 94 25.82 -21.68 -1.31
CA LEU A 94 27.18 -21.53 -0.82
C LEU A 94 27.55 -22.95 -0.35
N ASP A 95 28.74 -23.08 0.24
CA ASP A 95 29.07 -24.30 0.95
C ASP A 95 28.07 -24.66 2.03
N ASN A 96 27.99 -25.95 2.35
CA ASN A 96 27.23 -26.37 3.48
C ASN A 96 25.74 -26.07 3.40
N ASN A 97 25.28 -26.01 2.18
CA ASN A 97 23.83 -26.02 1.84
C ASN A 97 23.22 -24.69 2.29
N ASN A 98 24.04 -23.65 2.40
CA ASN A 98 23.49 -22.32 2.85
C ASN A 98 23.14 -21.43 1.67
N HIS A 99 22.26 -20.44 1.87
CA HIS A 99 21.96 -19.53 0.76
C HIS A 99 22.51 -18.15 1.11
N PRO A 100 23.00 -17.40 0.13
CA PRO A 100 23.42 -16.01 0.42
C PRO A 100 22.19 -15.15 0.53
N ILE A 101 22.24 -14.18 1.43
CA ILE A 101 21.22 -13.11 1.39
C ILE A 101 21.75 -12.03 0.45
N ILE A 102 20.96 -11.61 -0.54
CA ILE A 102 21.39 -10.59 -1.49
C ILE A 102 20.46 -9.36 -1.39
N SER A 103 20.86 -8.29 -2.03
CA SER A 103 20.02 -7.10 -2.22
C SER A 103 19.34 -7.28 -3.63
N ARG A 104 18.02 -6.99 -3.67
CA ARG A 104 17.35 -7.16 -4.97
C ARG A 104 16.16 -6.18 -4.99
N HIS A 105 15.73 -5.79 -6.19
CA HIS A 105 14.48 -4.98 -6.25
C HIS A 105 13.34 -5.75 -5.63
N TYR A 106 12.36 -5.06 -5.07
CA TYR A 106 11.21 -5.75 -4.43
C TYR A 106 10.30 -6.43 -5.48
N THR A 107 10.00 -7.69 -5.22
CA THR A 107 9.07 -8.46 -6.08
C THR A 107 7.85 -8.90 -5.31
N GLY A 108 7.95 -9.05 -3.97
CA GLY A 108 6.83 -9.59 -3.20
C GLY A 108 6.91 -11.14 -3.16
N GLU A 109 7.94 -11.71 -3.76
CA GLU A 109 8.10 -13.21 -3.67
C GLU A 109 8.38 -13.69 -2.27
N GLU A 110 8.15 -14.99 -2.00
CA GLU A 110 8.38 -15.60 -0.67
C GLU A 110 9.85 -15.45 -0.22
N ARG A 111 10.76 -15.44 -1.17
CA ARG A 111 12.18 -15.33 -0.86
C ARG A 111 12.57 -13.97 -0.31
N GLN A 112 11.67 -12.96 -0.35
CA GLN A 112 11.98 -11.69 0.24
C GLN A 112 11.32 -11.47 1.59
N LYS A 113 10.70 -12.54 2.14
CA LYS A 113 9.97 -12.40 3.41
C LYS A 113 10.73 -13.00 4.61
N PHE A 114 10.76 -12.32 5.69
CA PHE A 114 11.55 -12.73 6.89
C PHE A 114 10.67 -12.68 8.12
N GLU A 115 10.76 -13.75 8.93
CA GLU A 115 10.08 -13.79 10.23
C GLU A 115 11.07 -13.32 11.31
N GLN A 116 10.76 -12.25 12.02
CA GLN A 116 11.59 -11.76 13.19
C GLN A 116 11.15 -12.49 14.41
N VAL A 117 12.11 -13.06 15.13
CA VAL A 117 11.83 -13.79 16.41
C VAL A 117 12.65 -13.11 17.53
N GLY A 118 11.99 -12.76 18.65
CA GLY A 118 12.70 -12.06 19.80
C GLY A 118 13.25 -13.22 20.66
N SER A 119 14.55 -13.20 20.93
CA SER A 119 15.18 -14.21 21.79
C SER A 119 16.14 -13.51 22.77
N GLY A 120 17.17 -14.23 23.16
CA GLY A 120 18.09 -13.68 24.14
C GLY A 120 19.15 -14.69 24.59
N ASP A 121 20.09 -14.20 25.38
CA ASP A 121 21.17 -15.06 25.94
C ASP A 121 20.67 -15.75 27.22
N TYR A 122 20.77 -17.06 27.25
CA TYR A 122 20.20 -17.87 28.36
C TYR A 122 20.93 -17.64 29.70
N ILE A 123 22.21 -17.30 29.58
CA ILE A 123 23.12 -17.08 30.73
C ILE A 123 23.03 -15.66 31.26
N THR A 124 23.07 -14.67 30.35
CA THR A 124 23.21 -13.27 30.77
C THR A 124 21.85 -12.61 30.88
N GLY A 125 20.84 -13.20 30.26
CA GLY A 125 19.50 -12.47 30.18
C GLY A 125 19.34 -11.38 29.15
N GLU A 126 20.43 -10.96 28.49
CA GLU A 126 20.39 -9.94 27.45
C GLU A 126 19.54 -10.38 26.23
N GLN A 127 18.75 -9.46 25.71
CA GLN A 127 17.81 -9.78 24.63
C GLN A 127 18.43 -9.45 23.24
N PHE A 128 17.99 -10.14 22.21
CA PHE A 128 18.35 -9.78 20.85
C PHE A 128 17.25 -10.41 19.96
N PHE A 129 17.33 -10.19 18.65
CA PHE A 129 16.34 -10.82 17.81
C PHE A 129 17.03 -11.51 16.66
N GLN A 130 16.31 -12.42 16.02
CA GLN A 130 16.81 -13.14 14.87
C GLN A 130 15.85 -13.09 13.70
N PHE A 131 16.31 -13.49 12.55
CA PHE A 131 15.44 -13.57 11.40
C PHE A 131 15.44 -14.98 10.86
N TYR A 132 14.27 -15.54 10.68
CA TYR A 132 14.10 -16.91 10.12
C TYR A 132 13.38 -16.88 8.80
N THR A 133 13.58 -17.93 7.97
CA THR A 133 12.83 -18.14 6.74
C THR A 133 12.25 -19.53 6.68
N GLN A 134 11.40 -19.78 5.70
CA GLN A 134 10.90 -21.15 5.48
C GLN A 134 10.27 -21.81 6.68
N ASN A 135 9.37 -21.10 7.33
CA ASN A 135 8.64 -21.55 8.54
C ASN A 135 9.59 -22.02 9.68
N LYS A 136 10.62 -21.20 9.93
CA LYS A 136 11.58 -21.32 11.02
C LYS A 136 12.46 -22.55 10.81
N THR A 137 12.66 -22.97 9.57
CA THR A 137 13.61 -24.05 9.23
C THR A 137 14.96 -23.53 8.79
N ARG A 138 15.09 -22.20 8.60
CA ARG A 138 16.40 -21.53 8.34
C ARG A 138 16.52 -20.27 9.15
N VAL A 139 17.76 -19.93 9.58
CA VAL A 139 17.97 -18.69 10.34
C VAL A 139 19.00 -17.86 9.57
N LEU A 140 18.88 -16.53 9.65
CA LEU A 140 19.91 -15.69 9.02
C LEU A 140 21.15 -15.69 9.95
N SER A 141 22.30 -15.74 9.34
CA SER A 141 23.52 -15.84 10.16
C SER A 141 24.71 -15.22 9.42
N ASN A 142 25.64 -14.62 10.16
CA ASN A 142 26.90 -14.14 9.54
C ASN A 142 27.56 -15.43 8.97
N CYS A 143 28.33 -15.29 7.91
CA CYS A 143 29.15 -16.41 7.39
C CYS A 143 30.46 -16.48 8.22
N ARG A 144 30.47 -17.39 9.18
CA ARG A 144 31.68 -17.71 10.02
C ARG A 144 32.11 -16.72 11.10
N ALA A 145 32.10 -15.43 10.85
CA ALA A 145 32.85 -14.46 11.73
C ALA A 145 31.92 -13.59 12.54
N LEU A 146 32.35 -13.17 13.73
CA LEU A 146 31.69 -12.10 14.50
C LEU A 146 32.32 -10.75 14.30
N ASP A 147 33.65 -10.76 14.04
CA ASP A 147 34.42 -9.54 14.09
C ASP A 147 35.38 -9.45 12.88
N SER A 148 35.00 -9.99 11.73
CA SER A 148 35.66 -9.60 10.49
C SER A 148 34.64 -9.35 9.36
N ARG A 149 35.07 -8.73 8.30
CA ARG A 149 34.19 -8.46 7.17
C ARG A 149 33.81 -9.77 6.53
N THR A 150 32.50 -10.01 6.40
CA THR A 150 31.98 -11.21 5.78
C THR A 150 30.58 -10.92 5.12
N ILE A 151 29.83 -11.98 4.87
CA ILE A 151 28.54 -11.85 4.16
C ILE A 151 27.47 -12.39 5.07
N LEU A 152 26.22 -12.11 4.66
CA LEU A 152 25.08 -12.65 5.39
C LEU A 152 24.47 -13.81 4.61
N LEU A 153 24.06 -14.83 5.35
CA LEU A 153 23.45 -15.99 4.71
C LEU A 153 22.31 -16.56 5.47
N SER A 154 21.64 -17.58 4.95
CA SER A 154 20.69 -18.29 5.75
C SER A 154 21.14 -19.75 5.79
N THR A 155 20.92 -20.34 6.98
CA THR A 155 21.43 -21.68 7.24
C THR A 155 20.32 -22.48 7.85
N ALA A 156 20.35 -23.76 7.61
CA ALA A 156 19.43 -24.68 8.34
C ALA A 156 19.99 -25.26 9.67
N LYS A 157 21.25 -24.95 9.92
CA LYS A 157 21.91 -25.29 11.19
C LYS A 157 21.51 -24.36 12.33
N ILE A 158 20.42 -24.71 13.03
CA ILE A 158 19.82 -23.92 14.14
C ILE A 158 20.02 -24.66 15.49
N PHE A 159 20.30 -23.93 16.54
CA PHE A 159 20.50 -24.55 17.84
C PHE A 159 19.51 -24.09 18.87
N PRO A 160 19.12 -25.00 19.81
CA PRO A 160 18.15 -24.61 20.86
C PRO A 160 18.74 -23.56 21.79
N ILE A 161 17.91 -22.76 22.45
CA ILE A 161 18.37 -21.79 23.42
C ILE A 161 19.26 -22.50 24.48
N TYR A 162 18.89 -23.75 24.87
CA TYR A 162 19.66 -24.47 25.91
C TYR A 162 20.00 -25.85 25.34
N PRO A 163 21.24 -26.33 25.52
CA PRO A 163 22.46 -25.68 26.07
C PRO A 163 22.97 -24.67 25.05
N PRO A 164 23.57 -23.56 25.52
CA PRO A 164 23.88 -22.49 24.58
C PRO A 164 24.96 -22.87 23.65
N ALA A 165 24.72 -22.66 22.35
CA ALA A 165 25.70 -22.95 21.32
C ALA A 165 26.34 -21.71 20.72
N SER A 166 27.67 -21.79 20.58
CA SER A 166 28.48 -20.74 20.01
C SER A 166 27.90 -20.10 18.67
N GLU A 167 27.44 -20.97 17.79
CA GLU A 167 26.99 -20.64 16.44
C GLU A 167 25.82 -19.67 16.46
N THR A 168 24.99 -19.75 17.48
CA THR A 168 23.83 -18.88 17.63
C THR A 168 24.26 -17.45 17.74
N GLN A 169 25.51 -17.21 18.16
CA GLN A 169 25.98 -15.82 18.26
C GLN A 169 25.94 -15.11 16.95
N LEU A 170 26.14 -15.86 15.85
CA LEU A 170 26.25 -15.29 14.53
C LEU A 170 24.89 -14.84 13.99
N THR A 171 23.85 -15.21 14.72
CA THR A 171 22.44 -14.91 14.28
C THR A 171 21.80 -13.76 15.05
N ALA A 172 22.50 -13.18 16.02
CA ALA A 172 21.92 -12.30 17.06
C ALA A 172 22.10 -10.85 16.75
N PHE A 173 20.97 -10.20 16.49
CA PHE A 173 20.94 -8.78 16.14
C PHE A 173 20.30 -7.92 17.20
N VAL A 174 20.78 -6.67 17.26
CA VAL A 174 20.15 -5.67 18.09
C VAL A 174 19.99 -4.41 17.25
N ASN A 175 19.03 -3.59 17.61
CA ASN A 175 18.89 -2.30 16.97
C ASN A 175 19.88 -1.29 17.55
N SER A 176 20.41 -0.41 16.70
CA SER A 176 21.31 0.67 17.09
C SER A 176 20.70 2.03 16.71
N SER A 177 21.49 2.87 16.02
CA SER A 177 21.06 4.21 15.63
C SER A 177 19.92 4.05 14.54
N PHE A 178 19.21 5.16 14.28
CA PHE A 178 18.10 5.06 13.29
C PHE A 178 17.72 6.38 12.70
N TYR A 179 17.04 6.32 11.54
CA TYR A 179 16.43 7.51 10.94
C TYR A 179 14.95 7.25 10.97
N ALA A 180 14.14 8.30 11.21
CA ALA A 180 12.71 8.11 11.16
C ALA A 180 12.22 7.98 9.69
N ALA A 181 11.27 7.11 9.46
CA ALA A 181 10.57 6.98 8.16
C ALA A 181 9.76 8.27 7.96
N ALA A 182 9.61 8.69 6.70
CA ALA A 182 8.67 9.83 6.42
C ALA A 182 7.33 9.16 6.25
N ILE A 183 6.33 9.65 6.98
CA ILE A 183 5.03 9.02 6.90
C ILE A 183 3.95 10.13 6.73
N PRO A 184 3.03 9.95 5.78
CA PRO A 184 1.94 10.94 5.62
C PRO A 184 1.01 10.98 6.79
N GLN A 185 0.36 12.11 6.98
CA GLN A 185 -0.73 12.20 7.96
C GLN A 185 -1.98 11.59 7.34
N LEU A 186 -2.71 10.81 8.14
CA LEU A 186 -3.95 10.17 7.71
C LEU A 186 -5.04 11.25 7.85
N PRO A 187 -5.87 11.41 6.85
CA PRO A 187 -6.91 12.44 6.89
C PRO A 187 -8.08 12.00 7.78
N GLN A 188 -8.89 12.95 8.24
CA GLN A 188 -10.04 12.51 9.01
C GLN A 188 -11.18 12.21 8.03
N THR A 189 -12.10 11.33 8.43
CA THR A 189 -13.23 10.99 7.57
C THR A 189 -14.18 12.14 7.42
N SER A 190 -15.03 12.05 6.40
CA SER A 190 -16.08 13.09 6.24
C SER A 190 -17.30 12.40 5.60
N LEU A 191 -18.48 13.00 5.76
CA LEU A 191 -19.73 12.34 5.35
C LEU A 191 -20.04 12.76 3.92
N LEU A 192 -20.63 11.85 3.22
CA LEU A 192 -21.02 12.15 1.82
C LEU A 192 -22.43 12.79 1.85
N GLU A 193 -22.53 13.90 1.12
CA GLU A 193 -23.87 14.57 0.96
C GLU A 193 -24.85 13.64 0.23
N ASN A 194 -26.17 13.94 0.36
CA ASN A 194 -27.11 13.19 -0.51
C ASN A 194 -26.87 13.53 -2.00
N ILE A 195 -27.25 12.63 -2.86
CA ILE A 195 -27.16 12.88 -4.30
C ILE A 195 -27.82 14.24 -4.60
N PRO A 196 -27.13 15.17 -5.29
CA PRO A 196 -27.57 16.57 -5.34
C PRO A 196 -28.91 16.69 -6.11
N GLU A 197 -29.79 17.47 -5.52
CA GLU A 197 -31.13 17.62 -6.09
C GLU A 197 -31.24 19.04 -6.62
N PRO A 198 -31.62 19.21 -7.90
CA PRO A 198 -31.66 20.61 -8.39
C PRO A 198 -32.68 21.47 -7.63
N THR A 199 -32.46 22.80 -7.55
CA THR A 199 -33.43 23.66 -6.76
C THR A 199 -34.27 24.55 -7.67
N SER A 200 -34.06 24.44 -8.97
CA SER A 200 -34.79 25.34 -9.91
C SER A 200 -34.57 24.76 -11.27
N LEU A 201 -35.33 25.21 -12.27
CA LEU A 201 -35.10 24.74 -13.60
C LEU A 201 -33.74 25.20 -14.13
N ASP A 202 -33.16 26.29 -13.60
CA ASP A 202 -31.82 26.67 -14.13
C ASP A 202 -30.60 26.10 -13.34
N ASP A 203 -30.86 25.23 -12.36
CA ASP A 203 -29.80 24.66 -11.57
C ASP A 203 -29.17 23.48 -12.39
N SER A 204 -27.99 23.69 -12.97
CA SER A 204 -27.35 22.67 -13.76
C SER A 204 -26.51 21.71 -12.90
N GLY A 205 -26.50 21.96 -11.57
CA GLY A 205 -25.90 20.97 -10.59
C GLY A 205 -24.38 21.03 -10.56
N VAL A 206 -23.72 19.92 -10.16
CA VAL A 206 -22.32 20.03 -9.82
C VAL A 206 -21.46 19.12 -10.71
N LEU A 207 -20.46 19.71 -11.37
CA LEU A 207 -19.57 18.96 -12.26
C LEU A 207 -18.53 18.15 -11.41
N PRO A 208 -18.03 17.07 -11.97
CA PRO A 208 -17.06 16.24 -11.17
C PRO A 208 -15.87 17.02 -10.58
N LYS A 209 -15.36 18.02 -11.31
CA LYS A 209 -14.23 18.80 -10.78
C LYS A 209 -14.56 19.61 -9.53
N ASP A 210 -15.83 19.93 -9.35
CA ASP A 210 -16.26 20.79 -8.29
C ASP A 210 -16.95 20.00 -7.14
N ALA A 211 -17.21 18.67 -7.33
CA ALA A 211 -18.03 17.86 -6.35
C ALA A 211 -17.22 17.71 -5.06
N VAL A 212 -17.87 17.88 -3.90
CA VAL A 212 -17.20 17.73 -2.60
C VAL A 212 -16.99 16.22 -2.36
N ARG A 213 -15.75 15.85 -2.10
CA ARG A 213 -15.37 14.49 -1.75
C ARG A 213 -15.66 14.18 -0.27
N ALA A 214 -16.14 12.97 0.00
CA ALA A 214 -16.23 12.51 1.40
C ALA A 214 -15.02 11.59 1.56
N VAL A 215 -14.19 11.88 2.56
CA VAL A 215 -13.07 10.90 2.82
C VAL A 215 -13.57 9.68 3.57
N LYS A 216 -13.41 8.48 2.99
CA LYS A 216 -13.95 7.31 3.62
C LYS A 216 -12.90 6.29 4.11
N GLY A 217 -11.67 6.43 3.60
CA GLY A 217 -10.63 5.44 3.99
C GLY A 217 -9.26 5.97 3.58
N SER A 218 -8.23 5.28 4.09
CA SER A 218 -6.86 5.65 3.70
C SER A 218 -5.91 4.51 4.10
N ALA A 219 -4.83 4.34 3.31
CA ALA A 219 -3.83 3.27 3.65
C ALA A 219 -2.50 3.89 3.51
N LEU A 220 -1.52 3.39 4.30
CA LEU A 220 -0.11 3.82 4.08
C LEU A 220 0.61 2.73 3.29
N LEU A 221 1.02 3.10 2.08
CA LEU A 221 1.66 2.13 1.17
C LEU A 221 3.19 2.15 1.32
N PRO A 222 3.80 1.01 1.63
CA PRO A 222 5.26 1.03 1.65
C PRO A 222 5.77 1.52 0.25
N CYS A 223 6.78 2.35 0.25
CA CYS A 223 7.20 2.89 -1.08
C CYS A 223 7.73 1.82 -2.06
N ILE A 224 8.13 0.67 -1.50
CA ILE A 224 8.55 -0.50 -2.33
C ILE A 224 7.50 -1.06 -3.24
N ILE A 225 6.21 -0.67 -2.96
CA ILE A 225 5.15 -1.13 -3.85
C ILE A 225 4.70 -0.03 -4.85
N VAL A 226 5.20 1.18 -4.70
CA VAL A 226 4.75 2.30 -5.49
C VAL A 226 5.75 2.59 -6.58
N HIS A 227 5.27 2.74 -7.83
CA HIS A 227 6.23 3.14 -8.87
C HIS A 227 6.03 4.60 -9.11
N ASP A 228 7.00 5.43 -8.70
CA ASP A 228 6.86 6.89 -8.79
C ASP A 228 8.14 7.40 -9.45
N PRO A 229 8.22 7.28 -10.76
CA PRO A 229 9.47 7.61 -11.53
C PRO A 229 9.80 9.08 -11.51
N ASN A 230 8.96 9.91 -10.91
CA ASN A 230 9.34 11.31 -10.74
C ASN A 230 10.39 11.53 -9.67
N LEU A 231 10.60 10.51 -8.86
CA LEU A 231 11.62 10.56 -7.83
C LEU A 231 12.66 9.46 -8.10
N ASN A 232 13.91 9.69 -7.62
CA ASN A 232 14.86 8.58 -7.61
C ASN A 232 14.67 7.69 -6.37
N ASN A 233 15.46 6.62 -6.30
CA ASN A 233 15.26 5.62 -5.23
C ASN A 233 15.48 6.18 -3.85
N SER A 234 16.54 6.96 -3.76
CA SER A 234 16.93 7.51 -2.49
C SER A 234 15.91 8.56 -2.02
N ASP A 235 15.46 9.43 -2.91
CA ASP A 235 14.42 10.40 -2.44
C ASP A 235 13.11 9.70 -2.06
N LYS A 236 12.69 8.71 -2.84
CA LYS A 236 11.50 8.02 -2.49
C LYS A 236 11.59 7.38 -1.14
N MET A 237 12.69 6.68 -0.88
CA MET A 237 12.73 5.95 0.40
C MET A 237 12.92 6.90 1.62
N LYS A 238 13.71 7.94 1.51
CA LYS A 238 14.01 8.81 2.61
C LYS A 238 12.89 9.78 2.86
N PHE A 239 12.32 10.35 1.79
CA PHE A 239 11.24 11.41 1.96
C PHE A 239 9.80 10.95 1.78
N ASN A 240 9.57 9.73 1.28
CA ASN A 240 8.22 9.20 1.01
C ASN A 240 8.23 7.71 1.36
N THR A 241 8.81 7.35 2.51
CA THR A 241 8.94 5.97 2.88
C THR A 241 7.61 5.26 2.78
N TYR A 242 6.52 5.94 3.18
CA TYR A 242 5.15 5.48 2.87
C TYR A 242 4.46 6.56 2.04
N TYR A 243 3.67 6.14 1.05
CA TYR A 243 2.77 7.07 0.33
C TYR A 243 1.40 6.96 1.01
N LEU A 244 0.57 7.96 0.75
CA LEU A 244 -0.80 7.87 1.23
C LEU A 244 -1.70 7.45 0.05
N LEU A 245 -2.61 6.47 0.30
CA LEU A 245 -3.64 6.12 -0.66
C LEU A 245 -4.99 6.52 0.00
N GLU A 246 -5.61 7.58 -0.50
CA GLU A 246 -6.92 7.97 0.08
C GLU A 246 -8.03 7.29 -0.70
N TYR A 247 -9.10 6.88 -0.01
CA TYR A 247 -10.36 6.47 -0.61
C TYR A 247 -11.44 7.53 -0.33
N LYS A 248 -12.05 8.06 -1.41
CA LYS A 248 -12.98 9.18 -1.23
C LYS A 248 -14.16 8.84 -2.16
N GLU A 249 -15.33 9.38 -1.79
CA GLU A 249 -16.50 9.16 -2.68
C GLU A 249 -17.04 10.56 -3.03
N TYR A 250 -17.62 10.71 -4.22
CA TYR A 250 -18.32 11.97 -4.55
C TYR A 250 -19.40 11.61 -5.56
N TRP A 251 -20.36 12.53 -5.79
CA TRP A 251 -21.36 12.20 -6.83
C TRP A 251 -20.87 12.76 -8.15
N HIS A 252 -20.78 11.87 -9.11
CA HIS A 252 -20.22 12.16 -10.40
C HIS A 252 -21.31 12.33 -11.41
N GLN A 253 -21.44 13.55 -11.95
CA GLN A 253 -22.59 13.86 -12.85
C GLN A 253 -22.41 13.15 -14.18
N LEU A 254 -23.42 12.42 -14.58
CA LEU A 254 -23.45 11.80 -15.92
C LEU A 254 -23.96 12.90 -16.91
N TRP A 255 -25.00 13.67 -16.51
CA TRP A 255 -25.60 14.70 -17.39
C TRP A 255 -26.59 15.56 -16.61
N SER A 256 -26.93 16.75 -17.12
CA SER A 256 -27.95 17.63 -16.49
C SER A 256 -28.60 18.39 -17.65
N GLN A 257 -29.94 18.28 -17.76
CA GLN A 257 -30.63 19.00 -18.89
C GLN A 257 -32.06 19.29 -18.46
N ILE A 258 -32.61 20.40 -18.96
CA ILE A 258 -34.09 20.58 -18.87
C ILE A 258 -34.64 19.71 -19.94
N ILE A 259 -35.54 18.79 -19.59
CA ILE A 259 -36.19 18.03 -20.60
C ILE A 259 -37.60 18.66 -20.71
N PRO A 260 -37.90 19.35 -21.85
CA PRO A 260 -39.20 20.04 -21.91
C PRO A 260 -40.38 19.08 -21.79
N ALA A 261 -41.56 19.62 -21.43
CA ALA A 261 -42.76 18.80 -21.38
C ALA A 261 -42.95 17.92 -22.65
N HIS A 262 -43.29 16.64 -22.46
CA HIS A 262 -43.56 15.74 -23.54
C HIS A 262 -42.47 15.60 -24.56
N GLN A 263 -41.22 15.78 -24.17
CA GLN A 263 -40.11 15.68 -25.12
C GLN A 263 -39.24 14.50 -24.75
N THR A 264 -38.60 13.95 -25.80
CA THR A 264 -37.57 12.89 -25.67
C THR A 264 -36.14 13.42 -25.88
N VAL A 265 -35.17 12.84 -25.16
CA VAL A 265 -33.78 13.20 -25.37
C VAL A 265 -32.96 11.90 -25.42
N LYS A 266 -31.83 11.93 -26.11
CA LYS A 266 -30.92 10.78 -26.06
C LYS A 266 -29.58 11.25 -25.49
N ILE A 267 -29.08 10.52 -24.49
CA ILE A 267 -27.92 10.96 -23.77
C ILE A 267 -26.99 9.73 -23.54
N GLN A 268 -25.72 9.91 -23.87
CA GLN A 268 -24.68 8.92 -23.57
C GLN A 268 -24.37 8.95 -22.07
N GLU A 269 -24.38 7.78 -21.40
CA GLU A 269 -24.00 7.69 -19.96
C GLU A 269 -22.73 6.83 -19.94
N ARG A 270 -21.65 7.39 -19.39
CA ARG A 270 -20.33 6.72 -19.35
C ARG A 270 -20.08 6.39 -17.86
N THR A 271 -19.90 5.11 -17.49
CA THR A 271 -19.66 4.70 -16.14
C THR A 271 -18.65 3.53 -16.09
N GLY A 272 -18.37 3.01 -14.89
CA GLY A 272 -17.29 2.00 -14.78
C GLY A 272 -15.94 2.70 -14.77
N ILE A 273 -14.95 2.08 -15.45
CA ILE A 273 -13.63 2.67 -15.49
C ILE A 273 -12.98 2.24 -16.82
N SER A 274 -12.16 3.11 -17.36
CA SER A 274 -11.50 2.80 -18.60
C SER A 274 -10.29 1.89 -18.45
N GLU A 275 -10.03 1.15 -19.52
CA GLU A 275 -8.81 0.31 -19.46
C GLU A 275 -7.56 1.15 -19.25
N VAL A 276 -7.49 2.32 -19.86
CA VAL A 276 -6.38 3.23 -19.66
C VAL A 276 -6.13 3.53 -18.15
N VAL A 277 -7.22 3.74 -17.36
CA VAL A 277 -7.08 4.13 -15.98
C VAL A 277 -6.67 2.86 -15.16
N GLN A 278 -7.23 1.72 -15.49
CA GLN A 278 -6.91 0.44 -14.85
C GLN A 278 -5.44 0.11 -15.11
N ASN A 279 -4.99 0.33 -16.37
CA ASN A 279 -3.56 -0.03 -16.67
C ASN A 279 -2.63 0.88 -15.88
N SER A 280 -3.00 2.17 -15.65
CA SER A 280 -2.23 3.07 -14.87
C SER A 280 -2.13 2.61 -13.42
N MET A 281 -3.26 2.20 -12.85
CA MET A 281 -3.22 1.76 -11.45
C MET A 281 -2.35 0.50 -11.32
N ILE A 282 -2.39 -0.36 -12.37
CA ILE A 282 -1.51 -1.61 -12.32
C ILE A 282 -0.05 -1.21 -12.32
N GLU A 283 0.32 -0.30 -13.20
CA GLU A 283 1.69 0.16 -13.33
C GLU A 283 2.14 0.85 -12.02
N ASP A 284 1.33 1.67 -11.41
CA ASP A 284 1.82 2.49 -10.33
C ASP A 284 1.79 1.72 -9.00
N LEU A 285 0.73 0.93 -8.82
CA LEU A 285 0.48 0.27 -7.52
C LEU A 285 0.34 -1.23 -7.58
N ASN A 286 0.32 -1.83 -8.78
CA ASN A 286 0.06 -3.27 -8.89
C ASN A 286 -1.32 -3.64 -8.33
N MET A 287 -2.29 -2.70 -8.51
CA MET A 287 -3.65 -2.95 -8.05
C MET A 287 -4.58 -2.54 -9.22
N TYR A 288 -5.76 -3.14 -9.18
CA TYR A 288 -6.84 -2.67 -10.12
C TYR A 288 -8.17 -2.90 -9.47
N ILE A 289 -9.25 -2.32 -10.08
CA ILE A 289 -10.58 -2.55 -9.54
C ILE A 289 -11.24 -3.78 -10.25
N GLY A 290 -11.66 -4.74 -9.48
CA GLY A 290 -12.31 -5.97 -9.98
C GLY A 290 -13.71 -5.65 -10.52
N ALA A 291 -14.32 -6.57 -11.22
CA ALA A 291 -15.62 -6.35 -11.79
C ALA A 291 -16.66 -6.30 -10.68
N ASP A 292 -16.34 -6.83 -9.49
CA ASP A 292 -17.21 -6.64 -8.31
C ASP A 292 -16.98 -5.30 -7.55
N PHE A 293 -16.20 -4.38 -8.11
CA PHE A 293 -15.79 -3.14 -7.51
C PHE A 293 -14.91 -3.35 -6.27
N GLY A 294 -14.45 -4.58 -6.04
CA GLY A 294 -13.42 -4.68 -4.95
C GLY A 294 -12.00 -4.36 -5.45
N MET A 295 -11.02 -4.46 -4.53
CA MET A 295 -9.63 -4.17 -4.92
C MET A 295 -8.88 -5.47 -5.25
N TYR A 296 -8.18 -5.50 -6.39
CA TYR A 296 -7.43 -6.70 -6.80
C TYR A 296 -5.95 -6.34 -6.74
N PHE A 297 -5.13 -7.27 -6.19
CA PHE A 297 -3.69 -6.93 -5.97
C PHE A 297 -2.80 -7.95 -6.69
N TYR A 298 -1.87 -7.46 -7.48
CA TYR A 298 -0.89 -8.32 -8.06
C TYR A 298 0.22 -8.58 -7.08
N LEU A 299 1.23 -9.39 -7.48
CA LEU A 299 2.15 -9.85 -6.46
C LEU A 299 2.92 -8.79 -5.68
N ARG A 300 3.34 -7.70 -6.31
CA ARG A 300 4.07 -6.63 -5.65
C ARG A 300 3.31 -6.04 -4.48
N SER A 301 1.97 -5.85 -4.56
CA SER A 301 1.27 -5.32 -3.43
C SER A 301 0.47 -6.31 -2.57
N SER A 302 0.37 -7.54 -3.05
CA SER A 302 -0.41 -8.59 -2.47
C SER A 302 -0.14 -8.85 -1.01
N GLY A 303 1.13 -8.75 -0.62
CA GLY A 303 1.53 -9.03 0.75
C GLY A 303 0.96 -8.08 1.81
N PHE A 304 0.44 -6.94 1.38
CA PHE A 304 -0.08 -5.89 2.20
C PHE A 304 -1.60 -5.68 1.95
N LYS A 305 -2.18 -6.57 1.20
CA LYS A 305 -3.63 -6.46 0.73
C LYS A 305 -4.58 -6.27 1.91
N GLU A 306 -4.41 -7.05 2.95
CA GLU A 306 -5.37 -6.97 4.08
C GLU A 306 -5.25 -5.72 4.82
N GLN A 307 -4.05 -5.26 5.10
CA GLN A 307 -3.89 -4.01 5.74
C GLN A 307 -4.42 -2.82 4.88
N ILE A 308 -4.18 -2.90 3.58
CA ILE A 308 -4.51 -1.77 2.66
C ILE A 308 -6.05 -1.70 2.57
N THR A 309 -6.69 -2.82 2.31
CA THR A 309 -8.16 -2.82 2.23
C THR A 309 -8.84 -2.50 3.55
N ARG A 310 -8.30 -2.95 4.65
CA ARG A 310 -8.82 -2.53 5.95
C ARG A 310 -8.74 -1.04 6.11
N GLY A 311 -7.64 -0.43 5.63
CA GLY A 311 -7.51 1.01 5.80
C GLY A 311 -8.44 1.80 4.82
N LEU A 312 -8.61 1.28 3.61
CA LEU A 312 -9.41 1.98 2.59
C LEU A 312 -10.88 1.81 2.93
N ASN A 313 -11.24 0.79 3.69
CA ASN A 313 -12.67 0.42 3.85
C ASN A 313 -13.34 -0.02 2.56
N ARG A 314 -12.62 -0.76 1.73
CA ARG A 314 -13.14 -1.34 0.54
C ARG A 314 -12.75 -2.75 0.50
N PRO A 315 -13.58 -3.62 -0.07
CA PRO A 315 -13.25 -4.97 0.12
C PRO A 315 -12.26 -5.53 -0.91
N LEU A 316 -11.68 -6.67 -0.54
CA LEU A 316 -10.87 -7.41 -1.50
C LEU A 316 -11.80 -7.95 -2.64
N SER A 317 -11.32 -7.92 -3.87
CA SER A 317 -12.09 -8.39 -5.03
C SER A 317 -12.11 -9.92 -4.98
N GLN A 318 -13.23 -10.49 -5.45
CA GLN A 318 -13.35 -11.97 -5.58
C GLN A 318 -13.37 -12.39 -7.02
N THR A 319 -13.03 -11.49 -7.91
CA THR A 319 -12.93 -11.86 -9.29
C THR A 319 -11.64 -11.30 -9.90
N THR A 320 -11.01 -12.05 -10.83
CA THR A 320 -9.84 -11.60 -11.55
C THR A 320 -10.24 -10.67 -12.72
N THR A 321 -11.51 -10.72 -13.17
CA THR A 321 -11.91 -9.84 -14.28
C THR A 321 -11.86 -8.37 -13.83
N GLN A 322 -11.20 -7.57 -14.65
CA GLN A 322 -11.18 -6.09 -14.44
C GLN A 322 -12.58 -5.52 -14.64
N LEU A 323 -12.91 -4.58 -13.79
CA LEU A 323 -14.01 -3.68 -14.12
C LEU A 323 -13.79 -3.01 -15.46
N GLY A 324 -14.87 -3.02 -16.28
CA GLY A 324 -14.84 -2.40 -17.56
C GLY A 324 -15.46 -1.06 -17.70
N GLU A 325 -15.44 -0.52 -18.91
CA GLU A 325 -16.04 0.81 -19.14
C GLU A 325 -17.45 0.62 -19.75
N ARG A 326 -18.49 1.17 -19.13
CA ARG A 326 -19.84 1.10 -19.67
C ARG A 326 -20.22 2.36 -20.40
N VAL A 327 -20.55 2.24 -21.69
CA VAL A 327 -20.83 3.41 -22.51
C VAL A 327 -22.18 3.11 -23.13
N GLU A 328 -23.23 3.76 -22.60
CA GLU A 328 -24.61 3.37 -22.91
C GLU A 328 -25.40 4.57 -23.42
N GLU A 329 -26.22 4.31 -24.41
CA GLU A 329 -26.92 5.41 -25.06
C GLU A 329 -28.32 5.27 -24.50
N MET A 330 -28.80 6.33 -23.84
CA MET A 330 -30.06 6.23 -23.06
C MET A 330 -31.10 7.20 -23.66
N GLU A 331 -32.33 6.71 -23.76
CA GLU A 331 -33.38 7.49 -24.38
C GLU A 331 -34.43 7.79 -23.32
N TYR A 332 -34.60 9.08 -23.07
CA TYR A 332 -35.48 9.43 -21.97
C TYR A 332 -36.66 10.23 -22.49
N TYR A 333 -37.81 9.95 -21.88
CA TYR A 333 -39.06 10.71 -22.21
C TYR A 333 -39.67 11.35 -20.97
N ASN A 334 -39.90 12.69 -21.05
CA ASN A 334 -40.57 13.37 -19.91
C ASN A 334 -42.09 13.41 -20.24
N SER A 335 -42.90 12.63 -19.55
CA SER A 335 -44.31 12.47 -19.83
C SER A 335 -45.12 13.57 -19.11
N ASN A 336 -44.42 14.33 -18.23
CA ASN A 336 -45.10 15.39 -17.43
C ASN A 336 -45.54 16.49 -18.34
N ASP A 337 -46.54 17.26 -17.89
CA ASP A 337 -46.90 18.48 -18.64
C ASP A 337 -46.18 19.76 -18.31
N LEU A 338 -44.95 19.66 -17.78
CA LEU A 338 -44.17 20.83 -17.50
C LEU A 338 -42.75 20.45 -17.79
N ASP A 339 -41.99 21.49 -18.05
CA ASP A 339 -40.57 21.37 -18.31
C ASP A 339 -39.89 21.03 -16.95
N VAL A 340 -38.95 20.07 -16.98
CA VAL A 340 -38.39 19.50 -15.69
C VAL A 340 -36.88 19.50 -15.89
N ARG A 341 -36.15 20.07 -14.92
CA ARG A 341 -34.68 19.96 -14.89
C ARG A 341 -34.29 18.60 -14.34
N TYR A 342 -33.60 17.78 -15.15
CA TYR A 342 -33.21 16.45 -14.70
C TYR A 342 -31.69 16.38 -14.59
N VAL A 343 -31.21 15.63 -13.60
CA VAL A 343 -29.76 15.47 -13.52
C VAL A 343 -29.49 14.06 -13.07
N LYS A 344 -28.48 13.39 -13.64
CA LYS A 344 -28.21 12.05 -13.19
C LYS A 344 -26.74 11.98 -12.62
N TYR A 345 -26.61 11.41 -11.43
CA TYR A 345 -25.24 11.23 -10.88
C TYR A 345 -25.06 9.70 -10.64
N ALA A 346 -23.79 9.19 -10.66
CA ALA A 346 -23.55 7.86 -10.09
C ALA A 346 -22.43 8.11 -9.00
N LEU A 347 -22.30 7.17 -8.09
CA LEU A 347 -21.31 7.36 -7.00
C LEU A 347 -19.89 7.09 -7.61
N ALA A 348 -18.98 8.04 -7.50
CA ALA A 348 -17.59 7.83 -7.93
C ALA A 348 -16.80 7.29 -6.67
N ARG A 349 -15.87 6.34 -6.93
CA ARG A 349 -15.05 5.73 -5.89
C ARG A 349 -13.64 6.15 -6.34
N GLU A 350 -13.07 7.09 -5.62
CA GLU A 350 -11.86 7.81 -6.10
C GLU A 350 -10.69 7.36 -5.18
N PHE A 351 -9.58 6.96 -5.82
CA PHE A 351 -8.40 6.55 -5.04
C PHE A 351 -7.33 7.52 -5.41
N THR A 352 -6.73 8.19 -4.43
CA THR A 352 -5.78 9.21 -4.74
C THR A 352 -4.46 8.85 -4.02
N LEU A 353 -3.37 8.82 -4.78
CA LEU A 353 -2.03 8.53 -4.28
C LEU A 353 -1.38 9.88 -4.03
N LYS A 354 -0.88 10.09 -2.82
CA LYS A 354 -0.19 11.31 -2.43
C LYS A 354 1.23 11.05 -1.86
N ARG A 355 2.12 11.99 -2.08
CA ARG A 355 3.43 12.05 -1.39
C ARG A 355 3.27 12.53 0.04
N VAL A 356 4.33 12.34 0.85
CA VAL A 356 4.32 12.84 2.22
C VAL A 356 4.07 14.35 2.25
N ASN A 357 4.62 15.04 1.27
CA ASN A 357 4.49 16.52 1.21
C ASN A 357 3.08 16.98 0.74
N GLY A 358 2.16 16.03 0.55
CA GLY A 358 0.82 16.40 0.10
C GLY A 358 0.63 16.46 -1.42
N GLU A 359 1.68 16.36 -2.24
CA GLU A 359 1.50 16.42 -3.67
C GLU A 359 0.66 15.21 -4.14
N ILE A 360 -0.26 15.45 -5.06
CA ILE A 360 -1.00 14.38 -5.69
C ILE A 360 -0.24 13.74 -6.81
N VAL A 361 0.02 12.43 -6.68
CA VAL A 361 0.73 11.73 -7.73
C VAL A 361 -0.26 11.34 -8.82
N LYS A 362 -1.39 10.75 -8.42
CA LYS A 362 -2.40 10.31 -9.37
C LYS A 362 -3.72 10.14 -8.68
N ASN A 363 -4.80 10.26 -9.45
CA ASN A 363 -6.13 9.79 -8.96
C ASN A 363 -6.60 8.71 -9.95
N TRP A 364 -7.33 7.72 -9.46
CA TRP A 364 -8.05 6.78 -10.33
C TRP A 364 -9.47 6.66 -9.84
N VAL A 365 -10.44 6.75 -10.78
CA VAL A 365 -11.88 6.80 -10.33
C VAL A 365 -12.64 5.70 -11.05
N ALA A 366 -13.40 4.92 -10.26
CA ALA A 366 -14.38 3.94 -10.77
C ALA A 366 -15.80 4.57 -10.54
N VAL A 367 -16.55 4.79 -11.62
CA VAL A 367 -17.92 5.36 -11.51
C VAL A 367 -18.87 4.18 -11.35
N ASP A 368 -19.50 4.11 -10.19
CA ASP A 368 -20.22 2.96 -9.81
C ASP A 368 -21.74 3.05 -10.33
N TYR A 369 -22.04 2.37 -11.46
CA TYR A 369 -23.37 2.49 -12.06
C TYR A 369 -24.40 1.74 -11.24
N ARG A 370 -23.99 0.97 -10.21
CA ARG A 370 -24.92 0.27 -9.35
C ARG A 370 -25.50 1.23 -8.32
N MET A 371 -24.87 2.40 -8.15
CA MET A 371 -25.29 3.36 -7.10
C MET A 371 -25.49 4.71 -7.75
N ALA A 372 -26.67 4.85 -8.39
CA ALA A 372 -26.88 6.08 -9.20
C ALA A 372 -28.31 6.59 -8.97
N GLY A 373 -28.57 7.80 -9.39
CA GLY A 373 -29.98 8.27 -9.34
C GLY A 373 -30.21 9.51 -10.14
N ILE A 374 -31.49 9.69 -10.53
CA ILE A 374 -31.88 10.85 -11.33
C ILE A 374 -32.71 11.72 -10.35
N GLN A 375 -32.29 12.94 -10.18
CA GLN A 375 -33.04 13.90 -9.35
C GLN A 375 -33.53 15.02 -10.25
N SER A 376 -34.44 15.82 -9.75
CA SER A 376 -35.07 16.79 -10.67
C SER A 376 -35.69 17.92 -9.86
N TYR A 377 -35.91 19.02 -10.57
CA TYR A 377 -36.83 20.07 -10.07
C TYR A 377 -37.82 20.40 -11.21
N PRO A 378 -39.14 20.33 -10.95
CA PRO A 378 -39.79 19.80 -9.77
C PRO A 378 -39.60 18.29 -9.69
N ASN A 379 -40.12 17.67 -8.67
CA ASN A 379 -39.81 16.22 -8.46
C ASN A 379 -41.00 15.54 -7.85
N ALA A 380 -40.90 14.23 -7.62
CA ALA A 380 -41.99 13.49 -6.93
C ALA A 380 -42.35 14.15 -5.58
N PRO A 381 -43.67 14.17 -5.21
CA PRO A 381 -44.88 13.65 -5.89
C PRO A 381 -45.50 14.61 -6.90
N ILE A 382 -44.89 15.78 -7.13
CA ILE A 382 -45.44 16.78 -8.10
C ILE A 382 -45.34 16.20 -9.53
N THR A 383 -44.17 15.70 -9.93
CA THR A 383 -44.03 15.03 -11.25
C THR A 383 -43.96 13.52 -11.11
N ASN A 384 -44.19 12.84 -12.23
CA ASN A 384 -43.95 11.42 -12.42
C ASN A 384 -42.49 11.20 -12.83
N PRO A 385 -41.93 10.04 -12.39
CA PRO A 385 -40.57 9.71 -12.84
C PRO A 385 -40.36 9.82 -14.34
N LEU A 386 -39.15 10.26 -14.71
CA LEU A 386 -38.69 10.25 -16.06
C LEU A 386 -38.76 8.83 -16.61
N THR A 387 -39.25 8.65 -17.83
CA THR A 387 -39.34 7.27 -18.30
C THR A 387 -38.20 6.96 -19.22
N LEU A 388 -37.65 5.80 -18.97
CA LEU A 388 -36.45 5.37 -19.69
C LEU A 388 -36.87 4.40 -20.79
N THR A 389 -36.55 4.77 -22.03
CA THR A 389 -36.68 3.84 -23.15
C THR A 389 -37.65 4.38 -24.14
#